data_1ZE3
#
_entry.id   1ZE3
#
_cell.length_a   54.820
_cell.length_b   83.320
_cell.length_c   110.230
_cell.angle_alpha   90.00
_cell.angle_beta   90.00
_cell.angle_gamma   90.00
#
_symmetry.space_group_name_H-M   'P 21 21 21'
#
loop_
_entity.id
_entity.type
_entity.pdbx_description
1 polymer 'Chaperone protein fimC'
2 polymer 'FimH protein'
3 polymer 'Outer membrane usher protein fimD'
4 non-polymer 1,2-ETHANEDIOL
5 water water
#
loop_
_entity_poly.entity_id
_entity_poly.type
_entity_poly.pdbx_seq_one_letter_code
_entity_poly.pdbx_strand_id
1 'polypeptide(L)'
;GVALGATRVIYPAGQKQEQLAVTNNDENSTYLIQSWVENADGVKDGRFIVTPPLFAMKGKKENTLRILDATNNQLPQDRE
SLFWMNVKAIPSMDKSKLTENTLQLAIISRIKLYYRPAKLALPPDQAAEKLRFRRSANSLTLINPTPYYLTVTELNAGTR
VLENALVPPMGESTVKLPSDAGSNITYRTINDYGALTPKMTGVME
;
C
2 'polypeptide(L)'
;TGGCDVSARDVTVTLPDYPGSVPIPLTVYCAKSQNLGYYLSGTTADAGNSIFTNTASFSPAQGVGVQLTRNGTIIPANNT
VSLGAVGTSAVSLGLTANYARTGGQVTAGNVQSIIGVTFVYQ
;
H
3 'polypeptide(L)'
;DLYFNPRFLADDPQAVADLSRFENGQELPPGTYRVDIYLNNGYMATRDVTFNTGDSEQGIVPCLTRAQLASMGLNTASVA
GMNLLADDACVPLTTMVQDATAHLDVGQQRLNLTIPQAFMSNRAR
;
D
#
# COMPACT_ATOMS: atom_id res chain seq x y z
N GLY A 1 -12.79 -3.94 4.48
CA GLY A 1 -11.85 -2.81 4.21
C GLY A 1 -11.22 -2.95 2.83
N VAL A 2 -10.02 -2.39 2.69
CA VAL A 2 -9.28 -2.46 1.42
C VAL A 2 -8.19 -3.51 1.57
N ALA A 3 -8.14 -4.47 0.64
CA ALA A 3 -7.14 -5.53 0.71
C ALA A 3 -6.25 -5.60 -0.52
N LEU A 4 -5.00 -6.03 -0.32
CA LEU A 4 -4.06 -6.16 -1.42
C LEU A 4 -4.20 -7.55 -2.05
N GLY A 5 -3.87 -7.66 -3.33
CA GLY A 5 -3.98 -8.94 -4.02
C GLY A 5 -2.81 -9.87 -3.83
N ALA A 6 -1.75 -9.41 -3.18
CA ALA A 6 -0.57 -10.22 -2.95
C ALA A 6 0.11 -9.83 -1.64
N THR A 7 0.89 -10.74 -1.07
CA THR A 7 1.60 -10.44 0.19
C THR A 7 3.08 -10.15 -0.04
N ARG A 8 3.47 -10.07 -1.31
CA ARG A 8 4.83 -9.73 -1.71
C ARG A 8 4.86 -9.63 -3.22
N VAL A 9 5.88 -8.95 -3.73
CA VAL A 9 6.06 -8.80 -5.16
C VAL A 9 7.50 -9.12 -5.51
N ILE A 10 7.68 -10.11 -6.37
CA ILE A 10 9.01 -10.50 -6.83
C ILE A 10 9.15 -9.77 -8.16
N TYR A 11 10.07 -8.81 -8.23
CA TYR A 11 10.28 -8.03 -9.45
C TYR A 11 11.45 -8.55 -10.27
N PRO A 12 11.17 -9.25 -11.38
CA PRO A 12 12.24 -9.79 -12.23
C PRO A 12 12.98 -8.66 -12.93
N ALA A 13 14.30 -8.63 -12.80
CA ALA A 13 15.08 -7.59 -13.45
C ALA A 13 14.80 -7.65 -14.95
N GLY A 14 14.64 -6.49 -15.57
CA GLY A 14 14.36 -6.44 -16.99
C GLY A 14 12.90 -6.16 -17.27
N GLN A 15 12.03 -6.47 -16.32
CA GLN A 15 10.60 -6.24 -16.49
C GLN A 15 10.28 -4.74 -16.48
N LYS A 16 9.39 -4.34 -17.38
CA LYS A 16 8.99 -2.95 -17.49
C LYS A 16 8.15 -2.54 -16.27
N GLN A 17 7.37 -3.49 -15.76
CA GLN A 17 6.54 -3.22 -14.60
C GLN A 17 6.00 -4.51 -13.99
N GLU A 18 5.48 -4.37 -12.78
CA GLU A 18 4.84 -5.47 -12.06
C GLU A 18 3.57 -4.82 -11.51
N GLN A 19 2.54 -5.61 -11.26
CA GLN A 19 1.28 -5.05 -10.77
C GLN A 19 0.91 -5.55 -9.39
N LEU A 20 0.03 -4.80 -8.73
CA LEU A 20 -0.45 -5.14 -7.40
C LEU A 20 -1.92 -4.70 -7.31
N ALA A 21 -2.81 -5.66 -7.07
CA ALA A 21 -4.23 -5.36 -6.98
C ALA A 21 -4.60 -4.75 -5.63
N VAL A 22 -5.50 -3.77 -5.66
CA VAL A 22 -5.99 -3.12 -4.45
C VAL A 22 -7.49 -3.19 -4.58
N THR A 23 -8.14 -3.90 -3.66
CA THR A 23 -9.58 -4.07 -3.72
C THR A 23 -10.33 -3.49 -2.53
N ASN A 24 -11.31 -2.65 -2.82
CA ASN A 24 -12.13 -2.08 -1.76
C ASN A 24 -13.33 -2.99 -1.64
N ASN A 25 -13.48 -3.63 -0.49
CA ASN A 25 -14.59 -4.55 -0.25
C ASN A 25 -15.78 -3.87 0.40
N ASP A 26 -15.67 -2.58 0.69
CA ASP A 26 -16.76 -1.83 1.34
C ASP A 26 -17.58 -1.03 0.33
N GLU A 27 -18.73 -1.57 -0.02
CA GLU A 27 -19.63 -0.97 -1.00
C GLU A 27 -20.02 0.48 -0.78
N ASN A 28 -20.32 0.84 0.47
CA ASN A 28 -20.76 2.19 0.79
C ASN A 28 -19.65 3.16 1.14
N SER A 29 -18.40 2.73 0.97
CA SER A 29 -17.29 3.59 1.35
C SER A 29 -16.40 4.13 0.25
N THR A 30 -15.84 5.32 0.50
CA THR A 30 -14.92 5.96 -0.41
C THR A 30 -13.61 6.15 0.34
N TYR A 31 -12.52 5.62 -0.23
CA TYR A 31 -11.22 5.72 0.39
C TYR A 31 -10.24 6.45 -0.51
N LEU A 32 -9.23 7.05 0.11
CA LEU A 32 -8.17 7.71 -0.63
C LEU A 32 -7.01 6.73 -0.42
N ILE A 33 -6.44 6.24 -1.51
CA ILE A 33 -5.35 5.27 -1.43
C ILE A 33 -4.00 5.95 -1.69
N GLN A 34 -3.13 5.94 -0.68
CA GLN A 34 -1.81 6.54 -0.78
C GLN A 34 -0.77 5.43 -0.74
N SER A 35 0.07 5.35 -1.76
CA SER A 35 1.08 4.30 -1.83
C SER A 35 2.49 4.84 -2.04
N TRP A 36 3.47 4.17 -1.44
CA TRP A 36 4.85 4.59 -1.59
C TRP A 36 5.81 3.43 -1.33
N VAL A 37 7.04 3.59 -1.81
CA VAL A 37 8.08 2.58 -1.65
C VAL A 37 9.13 3.05 -0.65
N GLU A 38 9.64 2.12 0.15
CA GLU A 38 10.70 2.40 1.12
C GLU A 38 11.83 1.42 0.86
N ASN A 39 13.06 1.80 1.18
CA ASN A 39 14.18 0.88 0.99
C ASN A 39 14.29 -0.01 2.23
N ALA A 40 15.34 -0.83 2.29
CA ALA A 40 15.54 -1.74 3.41
C ALA A 40 15.66 -1.03 4.76
N ASP A 41 16.02 0.24 4.73
CA ASP A 41 16.16 1.01 5.96
C ASP A 41 14.82 1.62 6.38
N GLY A 42 13.78 1.34 5.61
CA GLY A 42 12.47 1.88 5.91
C GLY A 42 12.31 3.34 5.55
N VAL A 43 13.20 3.83 4.68
CA VAL A 43 13.15 5.24 4.26
C VAL A 43 12.53 5.33 2.86
N LYS A 44 11.65 6.31 2.66
CA LYS A 44 11.01 6.47 1.36
C LYS A 44 12.12 6.49 0.32
N ASP A 45 11.96 5.68 -0.72
CA ASP A 45 12.97 5.56 -1.75
C ASP A 45 12.35 5.59 -3.14
N GLY A 46 13.01 6.27 -4.08
CA GLY A 46 12.47 6.36 -5.43
C GLY A 46 13.03 5.41 -6.47
N ARG A 47 13.85 4.45 -6.06
CA ARG A 47 14.41 3.51 -7.03
C ARG A 47 13.34 2.63 -7.66
N PHE A 48 12.18 2.58 -7.02
CA PHE A 48 11.03 1.87 -7.56
C PHE A 48 9.87 2.85 -7.46
N ILE A 49 9.10 2.95 -8.52
CA ILE A 49 7.97 3.86 -8.57
C ILE A 49 6.65 3.10 -8.50
N VAL A 50 5.73 3.59 -7.67
CA VAL A 50 4.42 2.97 -7.58
C VAL A 50 3.44 4.03 -8.06
N THR A 51 2.63 3.67 -9.04
CA THR A 51 1.68 4.62 -9.62
C THR A 51 0.34 3.95 -9.95
N PRO A 52 -0.78 4.66 -9.75
CA PRO A 52 -0.88 6.03 -9.23
C PRO A 52 -0.61 6.08 -7.73
N PRO A 53 0.20 7.05 -7.27
CA PRO A 53 0.56 7.19 -5.85
C PRO A 53 -0.55 7.73 -4.94
N LEU A 54 -1.61 8.28 -5.54
CA LEU A 54 -2.73 8.81 -4.77
C LEU A 54 -3.99 8.83 -5.62
N PHE A 55 -5.01 8.10 -5.19
CA PHE A 55 -6.26 8.04 -5.94
C PHE A 55 -7.40 7.67 -5.02
N ALA A 56 -8.62 7.95 -5.45
CA ALA A 56 -9.80 7.63 -4.65
C ALA A 56 -10.52 6.42 -5.21
N MET A 57 -11.04 5.58 -4.31
CA MET A 57 -11.80 4.40 -4.68
C MET A 57 -13.18 4.55 -4.07
N LYS A 58 -14.19 4.66 -4.93
CA LYS A 58 -15.56 4.81 -4.45
C LYS A 58 -16.31 3.49 -4.58
N GLY A 59 -16.67 2.91 -3.43
CA GLY A 59 -17.40 1.66 -3.45
C GLY A 59 -16.58 0.44 -3.74
N LYS A 60 -17.24 -0.69 -3.92
CA LYS A 60 -16.58 -1.95 -4.19
C LYS A 60 -16.02 -1.99 -5.61
N LYS A 61 -14.70 -2.13 -5.70
CA LYS A 61 -14.03 -2.19 -7.00
C LYS A 61 -12.57 -2.58 -6.79
N GLU A 62 -11.91 -2.88 -7.89
CA GLU A 62 -10.50 -3.27 -7.86
C GLU A 62 -9.71 -2.27 -8.68
N ASN A 63 -8.62 -1.79 -8.11
CA ASN A 63 -7.73 -0.85 -8.80
C ASN A 63 -6.38 -1.52 -8.86
N THR A 64 -5.66 -1.31 -9.96
CA THR A 64 -4.35 -1.92 -10.11
C THR A 64 -3.23 -0.89 -9.99
N LEU A 65 -2.26 -1.20 -9.14
CA LEU A 65 -1.10 -0.35 -8.96
C LEU A 65 0.00 -0.90 -9.83
N ARG A 66 0.76 -0.01 -10.47
CA ARG A 66 1.89 -0.45 -11.29
C ARG A 66 3.14 -0.10 -10.52
N ILE A 67 4.10 -1.03 -10.51
CA ILE A 67 5.38 -0.83 -9.83
C ILE A 67 6.42 -0.80 -10.94
N LEU A 68 7.18 0.29 -11.02
CA LEU A 68 8.16 0.45 -12.08
C LEU A 68 9.61 0.47 -11.57
N ASP A 69 10.47 -0.23 -12.30
CA ASP A 69 11.89 -0.28 -11.98
C ASP A 69 12.53 1.06 -12.38
N ALA A 70 13.07 1.77 -11.40
CA ALA A 70 13.72 3.05 -11.65
C ALA A 70 15.12 3.01 -11.04
N THR A 71 15.72 1.83 -11.07
CA THR A 71 17.04 1.61 -10.48
C THR A 71 18.20 1.96 -11.41
N ASN A 72 17.93 2.15 -12.70
CA ASN A 72 18.97 2.49 -13.65
C ASN A 72 20.08 1.43 -13.66
N ASN A 73 19.68 0.18 -13.42
CA ASN A 73 20.59 -0.97 -13.42
C ASN A 73 21.70 -0.91 -12.37
N GLN A 74 21.52 -0.10 -11.33
CA GLN A 74 22.54 0.05 -10.30
C GLN A 74 22.55 -0.98 -9.16
N LEU A 75 21.47 -1.74 -9.01
CA LEU A 75 21.41 -2.72 -7.93
C LEU A 75 22.28 -3.96 -8.18
N PRO A 76 22.70 -4.62 -7.09
CA PRO A 76 23.54 -5.82 -7.21
C PRO A 76 22.90 -6.82 -8.18
N GLN A 77 23.73 -7.48 -8.97
CA GLN A 77 23.21 -8.44 -9.95
C GLN A 77 23.40 -9.90 -9.58
N ASP A 78 23.92 -10.15 -8.37
CA ASP A 78 24.14 -11.53 -7.94
C ASP A 78 23.28 -11.91 -6.75
N ARG A 79 22.39 -11.01 -6.35
CA ARG A 79 21.52 -11.27 -5.21
C ARG A 79 20.29 -10.36 -5.23
N GLU A 80 19.28 -10.73 -4.44
CA GLU A 80 18.06 -9.94 -4.35
C GLU A 80 18.30 -8.69 -3.52
N SER A 81 17.50 -7.66 -3.78
CA SER A 81 17.55 -6.41 -3.03
C SER A 81 16.15 -6.25 -2.45
N LEU A 82 16.08 -5.78 -1.21
CA LEU A 82 14.80 -5.61 -0.53
C LEU A 82 14.27 -4.19 -0.48
N PHE A 83 12.99 -4.06 -0.79
CA PHE A 83 12.26 -2.80 -0.73
C PHE A 83 10.91 -3.13 -0.11
N TRP A 84 10.16 -2.12 0.30
CA TRP A 84 8.85 -2.35 0.89
C TRP A 84 7.78 -1.52 0.18
N MET A 85 6.65 -2.16 -0.11
CA MET A 85 5.52 -1.49 -0.73
C MET A 85 4.58 -1.12 0.41
N ASN A 86 4.08 0.11 0.40
CA ASN A 86 3.19 0.58 1.46
C ASN A 86 1.91 1.13 0.83
N VAL A 87 0.77 0.57 1.24
CA VAL A 87 -0.52 1.02 0.71
C VAL A 87 -1.43 1.40 1.88
N LYS A 88 -1.73 2.68 1.97
CA LYS A 88 -2.56 3.23 3.05
C LYS A 88 -3.96 3.59 2.58
N ALA A 89 -4.97 3.09 3.30
CA ALA A 89 -6.36 3.35 2.96
C ALA A 89 -6.91 4.42 3.91
N ILE A 90 -7.04 5.63 3.40
CA ILE A 90 -7.53 6.76 4.16
C ILE A 90 -9.05 6.88 4.03
N PRO A 91 -9.76 6.83 5.16
CA PRO A 91 -11.22 6.93 5.15
C PRO A 91 -11.70 8.36 5.02
N SER A 92 -12.94 8.51 4.57
CA SER A 92 -13.54 9.83 4.46
C SER A 92 -14.64 9.83 5.51
N MET A 93 -15.26 10.98 5.72
CA MET A 93 -16.38 11.10 6.65
C MET A 93 -17.12 12.36 6.28
N ASP A 94 -18.38 12.47 6.70
CA ASP A 94 -19.17 13.64 6.38
C ASP A 94 -18.61 14.84 7.12
N LYS A 95 -18.66 16.01 6.50
CA LYS A 95 -18.14 17.22 7.12
C LYS A 95 -18.93 17.57 8.37
N SER A 96 -20.10 16.98 8.53
CA SER A 96 -20.95 17.23 9.68
C SER A 96 -20.30 16.68 10.95
N LYS A 97 -19.35 15.76 10.76
CA LYS A 97 -18.65 15.14 11.88
C LYS A 97 -17.55 16.04 12.44
N LEU A 98 -17.22 17.10 11.72
CA LEU A 98 -16.18 18.03 12.15
C LEU A 98 -16.53 18.78 13.44
N THR A 99 -17.80 18.75 13.81
CA THR A 99 -18.26 19.42 15.03
C THR A 99 -18.49 18.41 16.14
N GLU A 100 -18.01 17.19 15.93
CA GLU A 100 -18.17 16.12 16.91
C GLU A 100 -16.81 15.57 17.33
N ASN A 101 -16.81 14.62 18.26
CA ASN A 101 -15.57 14.01 18.71
C ASN A 101 -15.40 12.74 17.89
N THR A 102 -14.29 12.65 17.15
CA THR A 102 -14.07 11.49 16.32
C THR A 102 -12.64 10.97 16.32
N LEU A 103 -12.52 9.71 15.90
CA LEU A 103 -11.24 9.04 15.75
C LEU A 103 -11.35 8.32 14.41
N GLN A 104 -10.46 8.65 13.48
CA GLN A 104 -10.46 7.99 12.19
C GLN A 104 -9.22 7.12 12.10
N LEU A 105 -9.40 5.90 11.59
CA LEU A 105 -8.31 4.96 11.46
C LEU A 105 -7.98 4.71 10.00
N ALA A 106 -6.69 4.80 9.66
CA ALA A 106 -6.23 4.53 8.30
C ALA A 106 -5.53 3.18 8.41
N ILE A 107 -5.89 2.24 7.55
CA ILE A 107 -5.29 0.92 7.57
C ILE A 107 -4.16 0.89 6.54
N ILE A 108 -3.01 0.35 6.93
CA ILE A 108 -1.85 0.28 6.04
C ILE A 108 -1.36 -1.14 5.85
N SER A 109 -1.15 -1.53 4.60
CA SER A 109 -0.63 -2.86 4.30
C SER A 109 0.82 -2.64 3.85
N ARG A 110 1.75 -3.38 4.43
CA ARG A 110 3.16 -3.26 4.07
C ARG A 110 3.68 -4.62 3.65
N ILE A 111 4.11 -4.73 2.40
CA ILE A 111 4.62 -5.99 1.86
C ILE A 111 5.98 -5.83 1.23
N LYS A 112 6.71 -6.94 1.14
CA LYS A 112 8.04 -6.94 0.56
C LYS A 112 8.03 -6.84 -0.96
N LEU A 113 9.00 -6.10 -1.48
CA LEU A 113 9.19 -5.94 -2.92
C LEU A 113 10.63 -6.38 -3.13
N TYR A 114 10.81 -7.55 -3.72
CA TYR A 114 12.14 -8.10 -3.97
C TYR A 114 12.59 -7.89 -5.41
N TYR A 115 13.73 -7.22 -5.59
CA TYR A 115 14.27 -7.03 -6.93
C TYR A 115 15.11 -8.28 -7.15
N ARG A 116 14.77 -9.08 -8.15
CA ARG A 116 15.48 -10.33 -8.40
C ARG A 116 16.21 -10.35 -9.75
N PRO A 117 17.55 -10.29 -9.71
CA PRO A 117 18.38 -10.31 -10.92
C PRO A 117 18.11 -11.55 -11.77
N ALA A 118 18.40 -11.43 -13.06
CA ALA A 118 18.20 -12.56 -13.97
C ALA A 118 19.41 -13.48 -13.87
N LYS A 119 19.24 -14.72 -14.30
CA LYS A 119 20.32 -15.71 -14.31
C LYS A 119 21.07 -15.94 -13.00
N LEU A 120 20.36 -15.90 -11.88
CA LEU A 120 21.01 -16.14 -10.59
C LEU A 120 21.57 -17.55 -10.56
N ALA A 121 22.66 -17.74 -9.83
CA ALA A 121 23.32 -19.03 -9.73
C ALA A 121 22.41 -20.17 -9.27
N LEU A 122 21.79 -20.00 -8.11
CA LEU A 122 20.91 -21.01 -7.53
C LEU A 122 19.43 -20.84 -7.86
N PRO A 123 18.73 -21.92 -8.22
CA PRO A 123 17.30 -21.80 -8.52
C PRO A 123 16.58 -21.47 -7.21
N PRO A 124 15.52 -20.66 -7.26
CA PRO A 124 14.80 -20.33 -6.02
C PRO A 124 14.27 -21.51 -5.20
N ASP A 125 13.84 -22.60 -5.85
CA ASP A 125 13.32 -23.73 -5.11
C ASP A 125 14.38 -24.53 -4.34
N GLN A 126 15.63 -24.09 -4.43
CA GLN A 126 16.72 -24.78 -3.72
C GLN A 126 17.29 -23.95 -2.57
N ALA A 127 16.82 -22.71 -2.44
CA ALA A 127 17.32 -21.80 -1.42
C ALA A 127 17.02 -22.10 0.04
N ALA A 128 15.77 -22.38 0.37
CA ALA A 128 15.38 -22.65 1.75
C ALA A 128 16.21 -23.73 2.45
N GLU A 129 16.52 -24.80 1.74
CA GLU A 129 17.30 -25.90 2.31
C GLU A 129 18.74 -25.53 2.64
N LYS A 130 19.25 -24.48 2.00
CA LYS A 130 20.63 -24.03 2.20
C LYS A 130 20.91 -23.29 3.51
N LEU A 131 19.85 -22.88 4.20
CA LEU A 131 20.01 -22.16 5.47
C LEU A 131 20.85 -22.98 6.45
N ARG A 132 21.75 -22.31 7.17
CA ARG A 132 22.58 -22.98 8.16
C ARG A 132 22.56 -22.20 9.47
N PHE A 133 22.95 -22.85 10.56
CA PHE A 133 22.92 -22.21 11.87
C PHE A 133 24.23 -22.27 12.64
N ARG A 134 24.44 -21.26 13.47
CA ARG A 134 25.63 -21.17 14.32
C ARG A 134 25.09 -20.81 15.69
N ARG A 135 25.31 -21.69 16.66
CA ARG A 135 24.81 -21.44 18.00
C ARG A 135 25.82 -20.79 18.94
N SER A 136 25.32 -19.87 19.76
CA SER A 136 26.13 -19.17 20.74
C SER A 136 25.51 -19.33 22.12
N ALA A 137 26.12 -18.72 23.12
CA ALA A 137 25.64 -18.79 24.50
C ALA A 137 24.15 -18.51 24.62
N ASN A 138 23.75 -17.29 24.25
CA ASN A 138 22.35 -16.90 24.33
C ASN A 138 21.82 -16.35 23.02
N SER A 139 22.40 -16.82 21.91
CA SER A 139 21.96 -16.37 20.61
C SER A 139 22.10 -17.45 19.54
N LEU A 140 21.31 -17.31 18.49
CA LEU A 140 21.34 -18.24 17.38
C LEU A 140 21.52 -17.40 16.11
N THR A 141 22.52 -17.74 15.32
CA THR A 141 22.77 -17.00 14.09
C THR A 141 22.35 -17.83 12.88
N LEU A 142 21.55 -17.20 12.01
CA LEU A 142 21.09 -17.84 10.80
C LEU A 142 22.00 -17.42 9.65
N ILE A 143 22.49 -18.40 8.89
CA ILE A 143 23.40 -18.17 7.78
C ILE A 143 22.73 -18.46 6.44
N ASN A 144 22.64 -17.43 5.60
CA ASN A 144 22.02 -17.54 4.29
C ASN A 144 23.04 -17.37 3.17
N PRO A 145 23.55 -18.49 2.62
CA PRO A 145 24.54 -18.40 1.54
C PRO A 145 23.94 -18.25 0.14
N THR A 146 22.62 -18.09 0.06
CA THR A 146 21.96 -17.98 -1.23
C THR A 146 21.73 -16.54 -1.71
N PRO A 147 21.35 -16.37 -2.98
CA PRO A 147 21.11 -15.02 -3.50
C PRO A 147 19.69 -14.54 -3.19
N TYR A 148 18.95 -15.31 -2.40
CA TYR A 148 17.57 -14.95 -2.06
C TYR A 148 17.32 -14.66 -0.59
N TYR A 149 16.47 -13.66 -0.33
CA TYR A 149 16.12 -13.34 1.04
C TYR A 149 15.34 -14.53 1.58
N LEU A 150 15.66 -14.95 2.80
CA LEU A 150 14.94 -16.07 3.40
C LEU A 150 14.10 -15.58 4.57
N THR A 151 12.80 -15.79 4.47
CA THR A 151 11.87 -15.40 5.52
C THR A 151 11.64 -16.64 6.37
N VAL A 152 12.32 -16.67 7.52
CA VAL A 152 12.24 -17.81 8.42
C VAL A 152 11.21 -17.62 9.52
N THR A 153 10.32 -18.58 9.65
CA THR A 153 9.28 -18.51 10.67
C THR A 153 9.14 -19.88 11.35
N GLU A 154 8.35 -19.93 12.41
CA GLU A 154 8.18 -21.16 13.18
C GLU A 154 9.56 -21.74 13.48
N LEU A 155 10.46 -20.86 13.89
CA LEU A 155 11.82 -21.24 14.24
C LEU A 155 11.79 -21.79 15.66
N ASN A 156 12.20 -23.05 15.81
CA ASN A 156 12.21 -23.69 17.13
C ASN A 156 13.60 -24.19 17.51
N ALA A 157 13.91 -24.14 18.79
CA ALA A 157 15.17 -24.63 19.34
C ALA A 157 14.70 -25.41 20.55
N GLY A 158 14.66 -26.73 20.42
CA GLY A 158 14.14 -27.55 21.50
C GLY A 158 12.65 -27.31 21.45
N THR A 159 12.01 -27.02 22.58
CA THR A 159 10.58 -26.75 22.57
C THR A 159 10.33 -25.24 22.56
N ARG A 160 11.42 -24.47 22.56
CA ARG A 160 11.32 -23.02 22.57
C ARG A 160 11.02 -22.43 21.19
N VAL A 161 10.15 -21.43 21.15
CA VAL A 161 9.81 -20.77 19.90
C VAL A 161 10.60 -19.47 19.85
N LEU A 162 11.44 -19.32 18.83
CA LEU A 162 12.25 -18.13 18.70
C LEU A 162 11.60 -17.09 17.81
N GLU A 163 12.22 -15.92 17.70
CA GLU A 163 11.71 -14.83 16.88
C GLU A 163 11.82 -15.20 15.40
N ASN A 164 10.92 -14.68 14.58
CA ASN A 164 10.99 -14.91 13.14
C ASN A 164 12.20 -14.11 12.66
N ALA A 165 12.68 -14.39 11.47
CA ALA A 165 13.84 -13.68 10.96
C ALA A 165 13.78 -13.51 9.45
N LEU A 166 14.41 -12.44 8.97
CA LEU A 166 14.50 -12.18 7.55
C LEU A 166 16.00 -12.20 7.31
N VAL A 167 16.49 -13.29 6.73
CA VAL A 167 17.93 -13.43 6.51
C VAL A 167 18.33 -12.93 5.12
N PRO A 168 19.19 -11.90 5.08
CA PRO A 168 19.63 -11.33 3.79
C PRO A 168 20.50 -12.28 2.98
N PRO A 169 20.44 -12.15 1.65
CA PRO A 169 21.22 -12.99 0.74
C PRO A 169 22.71 -12.90 1.06
N MET A 170 23.39 -14.04 1.04
CA MET A 170 24.82 -14.08 1.33
C MET A 170 25.12 -13.34 2.62
N GLY A 171 24.18 -13.41 3.57
CA GLY A 171 24.36 -12.73 4.83
C GLY A 171 23.91 -13.55 6.04
N GLU A 172 23.75 -12.88 7.16
CA GLU A 172 23.35 -13.55 8.39
C GLU A 172 22.42 -12.70 9.23
N SER A 173 21.71 -13.34 10.15
CA SER A 173 20.80 -12.67 11.06
C SER A 173 20.91 -13.39 12.39
N THR A 174 20.70 -12.68 13.49
CA THR A 174 20.79 -13.30 14.81
C THR A 174 19.55 -13.06 15.65
N VAL A 175 19.13 -14.09 16.37
CA VAL A 175 17.97 -13.99 17.24
C VAL A 175 18.37 -14.44 18.63
N LYS A 176 17.63 -14.00 19.63
CA LYS A 176 17.93 -14.37 21.01
C LYS A 176 17.61 -15.85 21.22
N LEU A 177 18.37 -16.49 22.10
CA LEU A 177 18.20 -17.90 22.38
C LEU A 177 18.20 -18.13 23.89
N PRO A 178 17.07 -18.59 24.44
CA PRO A 178 17.01 -18.84 25.89
C PRO A 178 18.11 -19.83 26.27
N SER A 179 18.74 -19.62 27.42
CA SER A 179 19.83 -20.49 27.86
C SER A 179 19.44 -21.97 27.97
N ASP A 180 18.17 -22.24 28.16
CA ASP A 180 17.68 -23.61 28.29
C ASP A 180 17.17 -24.23 26.99
N ALA A 181 17.11 -23.42 25.93
CA ALA A 181 16.63 -23.90 24.64
C ALA A 181 17.35 -25.17 24.20
N GLY A 182 16.61 -26.09 23.60
CA GLY A 182 17.20 -27.34 23.14
C GLY A 182 18.11 -27.11 21.94
N SER A 183 18.93 -28.12 21.62
CA SER A 183 19.86 -28.02 20.50
C SER A 183 19.22 -28.40 19.18
N ASN A 184 18.09 -29.10 19.22
CA ASN A 184 17.41 -29.51 18.00
C ASN A 184 16.63 -28.35 17.40
N ILE A 185 17.06 -27.89 16.23
CA ILE A 185 16.43 -26.78 15.54
C ILE A 185 15.57 -27.22 14.37
N THR A 186 14.43 -26.54 14.20
CA THR A 186 13.54 -26.81 13.07
C THR A 186 13.06 -25.43 12.61
N TYR A 187 12.65 -25.32 11.36
CA TYR A 187 12.16 -24.05 10.85
C TYR A 187 11.35 -24.24 9.58
N ARG A 188 10.66 -23.19 9.19
CA ARG A 188 9.86 -23.18 7.97
C ARG A 188 10.15 -21.83 7.33
N THR A 189 9.73 -21.64 6.09
CA THR A 189 9.95 -20.36 5.42
C THR A 189 8.69 -19.97 4.68
N ILE A 190 8.64 -18.71 4.24
CA ILE A 190 7.51 -18.23 3.45
C ILE A 190 8.14 -18.11 2.06
N ASN A 191 7.63 -18.88 1.09
CA ASN A 191 8.21 -18.86 -0.25
C ASN A 191 7.71 -17.75 -1.18
N ASP A 192 8.13 -17.79 -2.44
CA ASP A 192 7.77 -16.79 -3.44
C ASP A 192 6.26 -16.56 -3.56
N TYR A 193 5.48 -17.58 -3.25
CA TYR A 193 4.03 -17.49 -3.37
C TYR A 193 3.33 -17.22 -2.04
N GLY A 194 4.11 -16.78 -1.06
CA GLY A 194 3.56 -16.47 0.25
C GLY A 194 3.06 -17.68 1.01
N ALA A 195 3.53 -18.86 0.63
CA ALA A 195 3.10 -20.09 1.30
C ALA A 195 4.15 -20.55 2.30
N LEU A 196 3.67 -21.12 3.41
CA LEU A 196 4.53 -21.63 4.47
C LEU A 196 5.05 -22.99 4.00
N THR A 197 6.37 -23.16 3.94
CA THR A 197 6.95 -24.44 3.50
C THR A 197 7.00 -25.46 4.63
N PRO A 198 6.99 -26.76 4.29
CA PRO A 198 7.03 -27.80 5.34
C PRO A 198 8.26 -27.67 6.24
N LYS A 199 8.11 -28.08 7.50
CA LYS A 199 9.19 -28.02 8.47
C LYS A 199 10.49 -28.66 7.96
N MET A 200 11.62 -27.99 8.22
CA MET A 200 12.92 -28.51 7.83
C MET A 200 13.79 -28.61 9.09
N THR A 201 14.67 -29.60 9.12
CA THR A 201 15.56 -29.77 10.27
C THR A 201 16.73 -28.81 10.11
N GLY A 202 17.03 -28.06 11.16
CA GLY A 202 18.13 -27.11 11.10
C GLY A 202 19.47 -27.82 11.03
N VAL A 203 20.32 -27.39 10.11
CA VAL A 203 21.65 -27.98 9.97
C VAL A 203 22.68 -26.94 10.42
N MET A 204 23.57 -27.35 11.31
CA MET A 204 24.60 -26.44 11.81
C MET A 204 25.71 -26.27 10.78
N GLU A 205 26.32 -25.09 10.76
CA GLU A 205 27.40 -24.83 9.81
C GLU A 205 28.61 -25.66 10.22
N THR B 1 -2.46 -16.55 -2.37
CA THR B 1 -3.61 -15.71 -1.93
C THR B 1 -3.16 -14.29 -1.61
N GLY B 2 -4.13 -13.38 -1.47
CA GLY B 2 -3.80 -12.00 -1.18
C GLY B 2 -3.66 -11.62 0.28
N GLY B 3 -3.67 -10.31 0.53
CA GLY B 3 -3.54 -9.81 1.88
C GLY B 3 -4.84 -10.02 2.65
N CYS B 4 -4.80 -9.75 3.94
CA CYS B 4 -5.97 -9.92 4.78
C CYS B 4 -6.84 -8.67 4.70
N ASP B 5 -8.01 -8.70 5.33
CA ASP B 5 -8.91 -7.56 5.28
C ASP B 5 -9.44 -7.21 6.66
N VAL B 6 -9.49 -5.92 6.95
CA VAL B 6 -9.99 -5.45 8.24
C VAL B 6 -11.45 -5.04 8.10
N SER B 7 -12.28 -5.49 9.03
CA SER B 7 -13.69 -5.16 9.04
C SER B 7 -13.96 -4.31 10.28
N ALA B 8 -14.84 -3.33 10.14
CA ALA B 8 -15.15 -2.45 11.25
C ALA B 8 -16.60 -1.97 11.19
N ARG B 9 -17.15 -1.63 12.35
CA ARG B 9 -18.49 -1.09 12.38
C ARG B 9 -18.36 0.18 11.55
N ASP B 10 -17.22 0.85 11.73
CA ASP B 10 -16.89 2.07 11.01
C ASP B 10 -15.47 2.49 11.36
N VAL B 11 -14.65 2.76 10.35
CA VAL B 11 -13.28 3.19 10.60
C VAL B 11 -13.29 4.65 11.08
N THR B 12 -14.48 5.25 11.07
CA THR B 12 -14.69 6.61 11.56
C THR B 12 -15.48 6.38 12.85
N VAL B 13 -14.77 6.44 13.97
CA VAL B 13 -15.36 6.21 15.27
C VAL B 13 -15.86 7.49 15.93
N THR B 14 -17.14 7.53 16.25
CA THR B 14 -17.70 8.68 16.94
C THR B 14 -17.44 8.40 18.40
N LEU B 15 -16.59 9.22 19.01
CA LEU B 15 -16.22 9.04 20.41
C LEU B 15 -17.23 9.64 21.38
N PRO B 16 -17.31 9.08 22.60
CA PRO B 16 -18.26 9.65 23.55
C PRO B 16 -17.64 10.97 24.02
N ASP B 17 -18.44 11.86 24.58
CA ASP B 17 -17.89 13.12 25.07
C ASP B 17 -16.91 12.79 26.18
N TYR B 18 -15.90 13.63 26.35
CA TYR B 18 -14.94 13.41 27.43
C TYR B 18 -15.64 13.78 28.74
N PRO B 19 -15.50 12.96 29.80
CA PRO B 19 -14.74 11.71 29.86
C PRO B 19 -15.61 10.53 29.42
N GLY B 20 -14.97 9.53 28.82
CA GLY B 20 -15.69 8.36 28.37
C GLY B 20 -14.79 7.48 27.52
N SER B 21 -15.17 6.21 27.40
CA SER B 21 -14.41 5.25 26.61
C SER B 21 -15.38 4.43 25.78
N VAL B 22 -14.90 3.83 24.71
CA VAL B 22 -15.75 3.00 23.87
C VAL B 22 -14.92 1.97 23.11
N PRO B 23 -15.40 0.71 23.07
CA PRO B 23 -14.65 -0.32 22.36
C PRO B 23 -14.68 0.01 20.87
N ILE B 24 -13.64 -0.37 20.15
CA ILE B 24 -13.60 -0.12 18.70
C ILE B 24 -13.86 -1.45 17.99
N PRO B 25 -15.06 -1.62 17.40
CA PRO B 25 -15.33 -2.88 16.71
C PRO B 25 -14.44 -2.91 15.47
N LEU B 26 -13.38 -3.70 15.54
CA LEU B 26 -12.42 -3.77 14.45
C LEU B 26 -11.82 -5.16 14.45
N THR B 27 -11.98 -5.88 13.35
CA THR B 27 -11.44 -7.24 13.25
C THR B 27 -10.66 -7.42 11.97
N VAL B 28 -9.99 -8.55 11.85
CA VAL B 28 -9.22 -8.85 10.65
C VAL B 28 -9.32 -10.34 10.34
N TYR B 29 -9.38 -10.68 9.05
CA TYR B 29 -9.44 -12.08 8.68
C TYR B 29 -8.61 -12.25 7.42
N CYS B 30 -8.14 -13.47 7.20
CA CYS B 30 -7.31 -13.77 6.05
C CYS B 30 -7.86 -14.99 5.29
N ALA B 31 -7.61 -15.05 3.99
CA ALA B 31 -8.09 -16.16 3.17
C ALA B 31 -7.28 -17.41 3.52
N LYS B 32 -6.02 -17.18 3.90
CA LYS B 32 -5.10 -18.25 4.27
C LYS B 32 -4.61 -17.96 5.69
N SER B 33 -4.69 -18.96 6.56
CA SER B 33 -4.26 -18.78 7.94
C SER B 33 -2.78 -18.39 8.02
N GLN B 34 -2.48 -17.38 8.83
CA GLN B 34 -1.11 -16.92 8.99
C GLN B 34 -0.99 -16.10 10.28
N ASN B 35 0.20 -16.07 10.86
CA ASN B 35 0.42 -15.29 12.07
C ASN B 35 0.41 -13.83 11.64
N LEU B 36 -0.35 -13.00 12.35
CA LEU B 36 -0.45 -11.59 11.99
C LEU B 36 -0.30 -10.68 13.20
N GLY B 37 0.16 -9.46 12.95
CA GLY B 37 0.33 -8.48 14.00
C GLY B 37 0.20 -7.09 13.41
N TYR B 38 0.05 -6.09 14.27
CA TYR B 38 -0.08 -4.71 13.78
C TYR B 38 0.52 -3.72 14.76
N TYR B 39 0.73 -2.49 14.31
CA TYR B 39 1.24 -1.44 15.17
C TYR B 39 0.55 -0.12 14.83
N LEU B 40 0.46 0.76 15.82
CA LEU B 40 -0.19 2.05 15.64
C LEU B 40 0.83 3.12 15.26
N SER B 41 0.37 4.17 14.58
CA SER B 41 1.25 5.25 14.19
C SER B 41 0.48 6.56 14.09
N GLY B 42 1.18 7.67 14.27
CA GLY B 42 0.55 8.97 14.21
C GLY B 42 1.35 9.96 15.03
N THR B 43 0.75 11.11 15.32
CA THR B 43 1.43 12.12 16.12
C THR B 43 0.97 12.04 17.57
N THR B 44 1.93 11.85 18.48
CA THR B 44 1.60 11.74 19.90
C THR B 44 2.08 12.99 20.65
N ALA B 45 1.53 13.21 21.84
CA ALA B 45 1.87 14.39 22.62
C ALA B 45 2.56 14.09 23.95
N ASP B 46 2.69 12.82 24.29
CA ASP B 46 3.31 12.44 25.55
C ASP B 46 4.67 11.78 25.36
N ALA B 47 5.48 11.81 26.40
CA ALA B 47 6.80 11.19 26.36
C ALA B 47 6.57 9.69 26.15
N GLY B 48 5.39 9.23 26.56
CA GLY B 48 5.04 7.83 26.43
C GLY B 48 4.74 7.42 24.99
N ASN B 49 4.60 8.40 24.11
CA ASN B 49 4.33 8.13 22.70
C ASN B 49 3.09 7.23 22.59
N SER B 50 2.03 7.59 23.33
CA SER B 50 0.81 6.79 23.33
C SER B 50 -0.47 7.62 23.27
N ILE B 51 -0.36 8.93 23.45
CA ILE B 51 -1.54 9.78 23.40
C ILE B 51 -1.53 10.55 22.09
N PHE B 52 -2.44 10.19 21.20
CA PHE B 52 -2.52 10.85 19.90
C PHE B 52 -3.18 12.22 19.98
N THR B 53 -2.54 13.19 19.35
CA THR B 53 -2.97 14.58 19.37
C THR B 53 -4.34 14.88 18.80
N ASN B 54 -4.91 15.99 19.25
CA ASN B 54 -6.21 16.45 18.78
C ASN B 54 -5.93 17.34 17.57
N THR B 55 -6.51 16.99 16.42
CA THR B 55 -6.28 17.77 15.20
C THR B 55 -7.46 18.69 14.86
N ALA B 56 -8.46 18.75 15.73
CA ALA B 56 -9.64 19.59 15.51
C ALA B 56 -9.22 21.02 15.20
N SER B 57 -9.91 21.66 14.26
CA SER B 57 -9.59 23.02 13.86
C SER B 57 -10.50 24.10 14.45
N PHE B 58 -11.81 23.96 14.23
CA PHE B 58 -12.78 24.94 14.72
C PHE B 58 -12.58 25.29 16.19
N SER B 59 -13.03 24.43 17.09
CA SER B 59 -12.89 24.66 18.52
C SER B 59 -12.41 23.40 19.23
N PRO B 60 -11.10 23.12 19.16
CA PRO B 60 -10.50 21.95 19.79
C PRO B 60 -10.31 22.06 21.29
N ALA B 61 -10.59 20.97 21.99
CA ALA B 61 -10.42 20.92 23.44
C ALA B 61 -8.95 20.70 23.71
N GLN B 62 -8.37 21.49 24.61
CA GLN B 62 -6.96 21.37 24.94
C GLN B 62 -6.74 20.47 26.16
N GLY B 63 -5.53 19.93 26.29
CA GLY B 63 -5.19 19.09 27.42
C GLY B 63 -5.62 17.63 27.35
N VAL B 64 -6.22 17.21 26.24
CA VAL B 64 -6.66 15.82 26.12
C VAL B 64 -6.37 15.25 24.74
N GLY B 65 -6.10 13.95 24.70
CA GLY B 65 -5.82 13.27 23.45
C GLY B 65 -6.45 11.89 23.47
N VAL B 66 -6.30 11.14 22.39
CA VAL B 66 -6.86 9.81 22.30
C VAL B 66 -5.80 8.74 22.57
N GLN B 67 -6.09 7.85 23.51
CA GLN B 67 -5.17 6.78 23.88
C GLN B 67 -5.91 5.46 23.75
N LEU B 68 -5.30 4.49 23.06
CA LEU B 68 -5.93 3.19 22.88
C LEU B 68 -5.40 2.14 23.84
N THR B 69 -6.27 1.22 24.22
CA THR B 69 -5.89 0.13 25.11
C THR B 69 -6.38 -1.19 24.55
N ARG B 70 -5.67 -2.26 24.86
CA ARG B 70 -6.03 -3.61 24.44
C ARG B 70 -5.96 -4.45 25.71
N ASN B 71 -7.08 -5.05 26.09
CA ASN B 71 -7.14 -5.86 27.30
C ASN B 71 -6.71 -5.04 28.51
N GLY B 72 -6.94 -3.73 28.46
CA GLY B 72 -6.58 -2.86 29.57
C GLY B 72 -5.19 -2.26 29.52
N THR B 73 -4.36 -2.72 28.58
CA THR B 73 -3.00 -2.23 28.46
C THR B 73 -2.89 -1.14 27.41
N ILE B 74 -2.27 -0.02 27.78
CA ILE B 74 -2.10 1.09 26.84
C ILE B 74 -1.18 0.64 25.71
N ILE B 75 -1.58 0.97 24.48
CA ILE B 75 -0.79 0.59 23.31
C ILE B 75 -0.09 1.81 22.72
N PRO B 76 1.23 1.92 22.92
CA PRO B 76 2.04 3.03 22.41
C PRO B 76 2.17 2.90 20.90
N ALA B 77 2.55 3.98 20.23
CA ALA B 77 2.74 3.96 18.80
C ALA B 77 3.98 3.08 18.49
N ASN B 78 4.00 2.50 17.29
CA ASN B 78 5.11 1.67 16.86
C ASN B 78 5.53 0.58 17.85
N ASN B 79 4.54 -0.09 18.42
CA ASN B 79 4.76 -1.17 19.36
C ASN B 79 3.86 -2.30 18.83
N THR B 80 4.45 -3.29 18.19
CA THR B 80 3.68 -4.38 17.60
C THR B 80 2.84 -5.26 18.51
N VAL B 81 1.57 -5.43 18.13
CA VAL B 81 0.62 -6.26 18.85
C VAL B 81 0.50 -7.54 18.04
N SER B 82 0.86 -8.67 18.63
CA SER B 82 0.77 -9.95 17.92
C SER B 82 -0.59 -10.58 18.16
N LEU B 83 -1.29 -10.91 17.07
CA LEU B 83 -2.60 -11.51 17.17
C LEU B 83 -2.56 -13.04 17.06
N GLY B 84 -1.41 -13.57 16.67
CA GLY B 84 -1.29 -15.00 16.53
C GLY B 84 -1.80 -15.43 15.17
N ALA B 85 -2.33 -16.65 15.08
CA ALA B 85 -2.85 -17.16 13.83
C ALA B 85 -4.19 -16.54 13.47
N VAL B 86 -4.26 -15.98 12.26
CA VAL B 86 -5.50 -15.37 11.78
C VAL B 86 -5.91 -16.05 10.47
N GLY B 87 -7.08 -16.68 10.49
CA GLY B 87 -7.59 -17.36 9.31
C GLY B 87 -8.86 -16.75 8.79
N THR B 88 -9.75 -17.59 8.27
CA THR B 88 -11.01 -17.13 7.71
C THR B 88 -11.98 -16.55 8.74
N SER B 89 -11.81 -16.93 10.00
CA SER B 89 -12.69 -16.40 11.06
C SER B 89 -12.11 -15.08 11.57
N ALA B 90 -12.93 -14.04 11.55
CA ALA B 90 -12.49 -12.72 11.99
C ALA B 90 -11.94 -12.70 13.41
N VAL B 91 -10.80 -12.04 13.57
CA VAL B 91 -10.15 -11.91 14.87
C VAL B 91 -10.13 -10.44 15.25
N SER B 92 -10.63 -10.11 16.44
CA SER B 92 -10.66 -8.73 16.88
C SER B 92 -9.27 -8.19 17.19
N LEU B 93 -9.03 -6.92 16.89
CA LEU B 93 -7.74 -6.32 17.20
C LEU B 93 -7.74 -5.99 18.70
N GLY B 94 -8.93 -6.10 19.31
CA GLY B 94 -9.11 -5.87 20.72
C GLY B 94 -8.88 -4.47 21.26
N LEU B 95 -9.08 -3.47 20.40
CA LEU B 95 -8.86 -2.09 20.78
C LEU B 95 -10.06 -1.34 21.38
N THR B 96 -9.74 -0.45 22.32
CA THR B 96 -10.73 0.40 22.99
C THR B 96 -10.20 1.83 22.92
N ALA B 97 -11.08 2.78 22.61
CA ALA B 97 -10.67 4.18 22.52
C ALA B 97 -10.92 4.87 23.86
N ASN B 98 -9.90 5.58 24.34
CA ASN B 98 -9.98 6.29 25.61
C ASN B 98 -9.45 7.70 25.41
N TYR B 99 -9.70 8.55 26.40
CA TYR B 99 -9.19 9.92 26.37
C TYR B 99 -8.13 9.93 27.47
N ALA B 100 -7.03 10.64 27.22
CA ALA B 100 -5.96 10.74 28.21
C ALA B 100 -5.47 12.18 28.23
N ARG B 101 -5.26 12.70 29.43
CA ARG B 101 -4.80 14.07 29.58
C ARG B 101 -3.34 14.16 29.17
N THR B 102 -3.01 15.24 28.47
CA THR B 102 -1.65 15.44 28.01
C THR B 102 -0.83 16.22 29.03
N GLY B 103 -1.47 16.60 30.14
CA GLY B 103 -0.78 17.33 31.19
C GLY B 103 -1.27 18.74 31.43
N GLY B 104 -1.49 19.49 30.35
CA GLY B 104 -1.95 20.86 30.49
C GLY B 104 -3.34 21.02 31.09
N GLN B 105 -3.84 22.25 31.06
CA GLN B 105 -5.16 22.56 31.57
C GLN B 105 -6.16 22.08 30.54
N VAL B 106 -7.30 21.57 30.99
CA VAL B 106 -8.31 21.09 30.07
C VAL B 106 -9.34 22.18 29.76
N THR B 107 -9.65 22.34 28.48
CA THR B 107 -10.62 23.34 28.06
C THR B 107 -11.75 22.67 27.30
N ALA B 108 -12.84 23.39 27.12
CA ALA B 108 -13.99 22.85 26.41
C ALA B 108 -13.72 22.81 24.92
N GLY B 109 -14.40 21.89 24.24
CA GLY B 109 -14.21 21.75 22.80
C GLY B 109 -14.30 20.28 22.40
N ASN B 110 -14.07 20.02 21.13
CA ASN B 110 -14.14 18.65 20.64
C ASN B 110 -12.76 18.07 20.35
N VAL B 111 -12.74 16.79 20.00
CA VAL B 111 -11.50 16.09 19.70
C VAL B 111 -11.63 15.37 18.37
N GLN B 112 -10.65 15.59 17.50
CA GLN B 112 -10.62 14.96 16.18
C GLN B 112 -9.23 14.34 16.01
N SER B 113 -9.10 13.06 16.33
CA SER B 113 -7.81 12.39 16.23
C SER B 113 -7.76 11.36 15.10
N ILE B 114 -6.55 11.07 14.64
CA ILE B 114 -6.36 10.10 13.56
C ILE B 114 -5.20 9.18 13.93
N ILE B 115 -5.35 7.90 13.61
CA ILE B 115 -4.35 6.91 13.92
C ILE B 115 -4.21 5.93 12.76
N GLY B 116 -2.97 5.49 12.50
CA GLY B 116 -2.75 4.55 11.43
C GLY B 116 -2.54 3.18 12.05
N VAL B 117 -3.03 2.15 11.38
CA VAL B 117 -2.87 0.77 11.87
C VAL B 117 -2.18 0.01 10.74
N THR B 118 -0.95 -0.40 10.98
CA THR B 118 -0.16 -1.08 9.95
C THR B 118 0.07 -2.57 10.15
N PHE B 119 -0.19 -3.35 9.10
CA PHE B 119 0.03 -4.78 9.10
C PHE B 119 1.20 -5.07 8.15
N VAL B 120 2.29 -5.58 8.70
CA VAL B 120 3.48 -5.91 7.89
C VAL B 120 3.45 -7.42 7.65
N TYR B 121 3.54 -7.81 6.38
CA TYR B 121 3.50 -9.23 6.02
C TYR B 121 4.86 -9.90 5.87
N GLN B 122 4.95 -11.13 6.37
CA GLN B 122 6.17 -11.93 6.24
C GLN B 122 6.14 -12.42 4.80
N ASP C 1 -21.81 15.98 2.49
CA ASP C 1 -20.50 16.35 1.86
C ASP C 1 -19.36 15.54 2.45
N LEU C 2 -18.55 14.95 1.56
CA LEU C 2 -17.41 14.14 1.98
C LEU C 2 -16.25 15.00 2.46
N TYR C 3 -15.48 14.43 3.39
CA TYR C 3 -14.33 15.11 3.96
C TYR C 3 -13.17 14.14 4.09
N PHE C 4 -11.97 14.63 3.80
CA PHE C 4 -10.75 13.85 3.93
C PHE C 4 -9.80 14.68 4.79
N ASN C 5 -9.32 14.10 5.88
CA ASN C 5 -8.41 14.83 6.77
C ASN C 5 -7.02 14.91 6.13
N PRO C 6 -6.57 16.13 5.79
CA PRO C 6 -5.25 16.32 5.17
C PRO C 6 -4.07 15.80 6.00
N ARG C 7 -4.25 15.70 7.31
CA ARG C 7 -3.19 15.22 8.17
C ARG C 7 -2.85 13.75 7.91
N PHE C 8 -3.74 13.05 7.20
CA PHE C 8 -3.51 11.65 6.88
C PHE C 8 -2.41 11.52 5.82
N LEU C 9 -2.18 12.61 5.10
CA LEU C 9 -1.19 12.62 4.04
C LEU C 9 0.15 13.18 4.50
N LEU C 19 -7.47 18.52 -1.61
CA LEU C 19 -8.25 17.27 -1.54
C LEU C 19 -9.70 17.52 -1.94
N SER C 20 -10.00 18.75 -2.32
CA SER C 20 -11.36 19.11 -2.72
C SER C 20 -11.88 18.25 -3.87
N ARG C 21 -11.02 18.00 -4.85
CA ARG C 21 -11.42 17.19 -6.01
C ARG C 21 -11.93 15.82 -5.56
N PHE C 22 -11.19 15.16 -4.67
CA PHE C 22 -11.58 13.85 -4.19
C PHE C 22 -12.88 13.94 -3.39
N GLU C 23 -13.03 15.01 -2.63
CA GLU C 23 -14.24 15.22 -1.83
C GLU C 23 -15.43 15.47 -2.76
N ASN C 24 -15.14 15.84 -4.00
CA ASN C 24 -16.20 16.12 -4.96
C ASN C 24 -16.42 14.98 -5.95
N GLY C 25 -15.82 13.82 -5.69
CA GLY C 25 -16.01 12.68 -6.56
C GLY C 25 -14.92 12.34 -7.54
N GLN C 26 -13.89 13.18 -7.64
CA GLN C 26 -12.79 12.91 -8.56
C GLN C 26 -12.04 11.67 -8.08
N GLU C 27 -11.51 10.90 -9.03
CA GLU C 27 -10.76 9.69 -8.70
C GLU C 27 -9.26 9.87 -8.74
N LEU C 28 -8.77 10.71 -9.65
CA LEU C 28 -7.33 10.90 -9.82
C LEU C 28 -6.97 12.37 -10.05
N PRO C 29 -5.90 12.85 -9.37
CA PRO C 29 -5.47 14.24 -9.53
C PRO C 29 -4.56 14.41 -10.75
N PRO C 30 -4.31 15.66 -11.15
CA PRO C 30 -3.43 15.93 -12.30
C PRO C 30 -2.09 15.25 -12.01
N GLY C 31 -1.45 14.76 -13.05
CA GLY C 31 -0.17 14.10 -12.89
C GLY C 31 0.20 13.34 -14.15
N THR C 32 1.34 12.67 -14.12
CA THR C 32 1.77 11.88 -15.27
C THR C 32 1.66 10.43 -14.84
N TYR C 33 0.90 9.65 -15.60
CA TYR C 33 0.64 8.26 -15.27
C TYR C 33 1.01 7.27 -16.38
N ARG C 34 1.49 6.11 -15.99
CA ARG C 34 1.83 5.06 -16.96
C ARG C 34 0.48 4.40 -17.28
N VAL C 35 0.02 4.55 -18.52
CA VAL C 35 -1.27 3.97 -18.90
C VAL C 35 -1.22 3.15 -20.17
N ASP C 36 -2.22 2.28 -20.32
CA ASP C 36 -2.36 1.47 -21.53
C ASP C 36 -3.26 2.32 -22.40
N ILE C 37 -2.79 2.65 -23.61
CA ILE C 37 -3.58 3.47 -24.51
C ILE C 37 -4.32 2.59 -25.50
N TYR C 38 -5.63 2.77 -25.58
CA TYR C 38 -6.46 2.03 -26.52
C TYR C 38 -7.10 3.03 -27.46
N LEU C 39 -7.25 2.65 -28.72
CA LEU C 39 -7.88 3.50 -29.71
C LEU C 39 -8.93 2.66 -30.41
N ASN C 40 -10.18 3.13 -30.35
CA ASN C 40 -11.29 2.40 -30.94
C ASN C 40 -11.30 0.96 -30.45
N ASN C 41 -11.07 0.82 -29.15
CA ASN C 41 -11.05 -0.46 -28.44
C ASN C 41 -9.98 -1.45 -28.84
N GLY C 42 -8.88 -0.95 -29.40
CA GLY C 42 -7.78 -1.80 -29.78
C GLY C 42 -6.52 -1.34 -29.04
N TYR C 43 -5.76 -2.27 -28.47
CA TYR C 43 -4.55 -1.91 -27.74
C TYR C 43 -3.54 -1.23 -28.65
N MET C 44 -2.91 -0.17 -28.16
CA MET C 44 -1.91 0.55 -28.94
C MET C 44 -0.56 0.65 -28.23
N ALA C 45 -0.58 0.97 -26.94
CA ALA C 45 0.68 1.09 -26.23
C ALA C 45 0.55 1.25 -24.72
N THR C 46 1.69 1.25 -24.06
CA THR C 46 1.77 1.43 -22.62
C THR C 46 2.92 2.41 -22.39
N ARG C 47 2.57 3.61 -21.92
CA ARG C 47 3.59 4.63 -21.70
C ARG C 47 3.03 5.75 -20.83
N ASP C 48 3.90 6.67 -20.43
CA ASP C 48 3.50 7.79 -19.60
C ASP C 48 2.68 8.82 -20.37
N VAL C 49 1.60 9.27 -19.76
CA VAL C 49 0.74 10.28 -20.35
C VAL C 49 0.43 11.27 -19.24
N THR C 50 0.61 12.55 -19.55
CA THR C 50 0.32 13.58 -18.59
C THR C 50 -1.16 13.95 -18.64
N PHE C 51 -1.78 14.05 -17.48
CA PHE C 51 -3.19 14.41 -17.39
C PHE C 51 -3.27 15.74 -16.65
N ASN C 52 -3.84 16.73 -17.32
CA ASN C 52 -3.98 18.07 -16.75
C ASN C 52 -5.42 18.36 -16.38
N THR C 53 -5.61 19.36 -15.53
CA THR C 53 -6.95 19.77 -15.13
C THR C 53 -7.66 20.19 -16.41
N GLY C 54 -8.94 19.85 -16.54
CA GLY C 54 -9.66 20.22 -17.73
C GLY C 54 -11.14 19.96 -17.62
N ASP C 55 -11.91 20.43 -18.60
CA ASP C 55 -13.35 20.22 -18.61
C ASP C 55 -13.65 18.77 -18.94
N SER C 56 -14.01 18.01 -17.91
CA SER C 56 -14.31 16.60 -18.04
C SER C 56 -14.97 16.14 -16.75
N GLU C 57 -15.86 15.16 -16.85
CA GLU C 57 -16.53 14.64 -15.66
C GLU C 57 -15.47 14.09 -14.72
N GLN C 58 -14.31 13.75 -15.29
CA GLN C 58 -13.19 13.21 -14.52
C GLN C 58 -12.32 14.29 -13.89
N GLY C 59 -12.46 15.52 -14.38
CA GLY C 59 -11.68 16.62 -13.84
C GLY C 59 -10.30 16.77 -14.47
N ILE C 60 -9.87 15.74 -15.21
CA ILE C 60 -8.57 15.77 -15.86
C ILE C 60 -8.67 15.27 -17.29
N VAL C 61 -7.77 15.73 -18.14
CA VAL C 61 -7.76 15.33 -19.54
C VAL C 61 -6.34 14.95 -19.98
N PRO C 62 -6.22 13.96 -20.86
CA PRO C 62 -4.90 13.53 -21.33
C PRO C 62 -4.26 14.51 -22.30
N CYS C 63 -2.93 14.53 -22.29
CA CYS C 63 -2.17 15.39 -23.18
C CYS C 63 -1.43 14.51 -24.19
N LEU C 64 -1.92 14.50 -25.43
CA LEU C 64 -1.31 13.72 -26.50
C LEU C 64 -1.07 14.69 -27.65
N THR C 65 0.09 14.56 -28.29
CA THR C 65 0.44 15.46 -29.38
C THR C 65 -0.11 14.99 -30.72
N ARG C 66 -0.02 15.88 -31.70
CA ARG C 66 -0.47 15.62 -33.05
C ARG C 66 0.28 14.39 -33.61
N ALA C 67 1.59 14.36 -33.39
CA ALA C 67 2.40 13.25 -33.88
C ALA C 67 2.03 11.93 -33.20
N GLN C 68 1.73 11.97 -31.91
CA GLN C 68 1.36 10.75 -31.21
C GLN C 68 0.06 10.19 -31.78
N LEU C 69 -0.93 11.05 -31.94
CA LEU C 69 -2.22 10.63 -32.49
C LEU C 69 -2.07 10.11 -33.92
N ALA C 70 -1.29 10.83 -34.73
CA ALA C 70 -1.06 10.43 -36.12
C ALA C 70 -0.48 9.02 -36.19
N SER C 71 0.51 8.75 -35.35
CA SER C 71 1.17 7.45 -35.33
C SER C 71 0.24 6.30 -34.96
N MET C 72 -0.89 6.62 -34.34
CA MET C 72 -1.85 5.59 -33.95
C MET C 72 -2.97 5.42 -34.95
N GLY C 73 -3.02 6.28 -35.98
CA GLY C 73 -4.05 6.15 -36.98
C GLY C 73 -4.80 7.40 -37.38
N LEU C 74 -4.65 8.48 -36.63
CA LEU C 74 -5.36 9.71 -36.96
C LEU C 74 -4.82 10.33 -38.25
N ASN C 75 -5.72 10.78 -39.11
CA ASN C 75 -5.31 11.43 -40.36
C ASN C 75 -5.35 12.92 -40.03
N THR C 76 -4.19 13.47 -39.66
CA THR C 76 -4.11 14.88 -39.28
C THR C 76 -4.60 15.86 -40.34
N ALA C 77 -4.51 15.45 -41.60
CA ALA C 77 -4.94 16.32 -42.70
C ALA C 77 -6.46 16.49 -42.73
N SER C 78 -7.18 15.61 -42.06
CA SER C 78 -8.65 15.67 -42.04
C SER C 78 -9.20 16.49 -40.88
N VAL C 79 -8.32 16.95 -40.01
CA VAL C 79 -8.75 17.72 -38.84
C VAL C 79 -8.53 19.22 -39.02
N ALA C 80 -9.62 19.97 -39.08
CA ALA C 80 -9.56 21.41 -39.27
C ALA C 80 -8.76 22.12 -38.19
N GLY C 81 -7.82 22.97 -38.62
CA GLY C 81 -7.00 23.72 -37.69
C GLY C 81 -5.91 22.96 -36.96
N MET C 82 -5.78 21.66 -37.21
CA MET C 82 -4.75 20.89 -36.52
C MET C 82 -3.34 21.30 -36.96
N ASN C 83 -3.23 21.82 -38.18
CA ASN C 83 -1.93 22.26 -38.70
C ASN C 83 -1.39 23.44 -37.91
N LEU C 84 -2.28 24.18 -37.26
CA LEU C 84 -1.87 25.36 -36.48
C LEU C 84 -1.28 25.03 -35.11
N LEU C 85 -1.46 23.78 -34.66
CA LEU C 85 -0.93 23.37 -33.37
C LEU C 85 0.59 23.23 -33.38
N ALA C 86 1.21 23.45 -32.23
CA ALA C 86 2.65 23.29 -32.11
C ALA C 86 2.85 21.78 -32.01
N ASP C 87 4.06 21.32 -32.29
CA ASP C 87 4.35 19.89 -32.22
C ASP C 87 4.10 19.34 -30.82
N ASP C 88 4.39 20.13 -29.80
CA ASP C 88 4.22 19.67 -28.43
C ASP C 88 2.93 20.11 -27.75
N ALA C 89 2.01 20.67 -28.51
CA ALA C 89 0.73 21.10 -27.93
C ALA C 89 -0.13 19.89 -27.60
N CYS C 90 -0.90 20.00 -26.52
CA CYS C 90 -1.80 18.92 -26.13
C CYS C 90 -3.02 19.08 -27.03
N VAL C 91 -3.25 18.11 -27.90
CA VAL C 91 -4.39 18.18 -28.82
C VAL C 91 -5.72 18.16 -28.07
N PRO C 92 -6.57 19.18 -28.28
CA PRO C 92 -7.88 19.25 -27.63
C PRO C 92 -8.79 18.31 -28.42
N LEU C 93 -8.48 17.03 -28.33
CA LEU C 93 -9.18 15.98 -29.07
C LEU C 93 -10.70 16.06 -29.18
N THR C 94 -11.39 16.05 -28.04
CA THR C 94 -12.85 16.08 -28.04
C THR C 94 -13.52 17.30 -28.64
N THR C 95 -12.79 18.42 -28.73
CA THR C 95 -13.39 19.62 -29.32
C THR C 95 -12.93 19.80 -30.76
N MET C 96 -11.66 19.52 -31.02
CA MET C 96 -11.09 19.67 -32.36
C MET C 96 -11.51 18.56 -33.33
N VAL C 97 -11.76 17.36 -32.80
CA VAL C 97 -12.20 16.24 -33.64
C VAL C 97 -13.62 15.89 -33.19
N GLN C 98 -14.60 16.30 -34.00
CA GLN C 98 -15.99 16.08 -33.65
C GLN C 98 -16.39 14.66 -33.27
N ASP C 99 -16.83 14.54 -32.03
CA ASP C 99 -17.27 13.29 -31.43
C ASP C 99 -16.21 12.26 -31.13
N ALA C 100 -14.96 12.71 -31.06
CA ALA C 100 -13.87 11.81 -30.68
C ALA C 100 -14.03 11.85 -29.17
N THR C 101 -13.64 10.78 -28.48
CA THR C 101 -13.78 10.75 -27.03
C THR C 101 -12.51 10.26 -26.36
N ALA C 102 -12.39 10.57 -25.07
CA ALA C 102 -11.25 10.14 -24.27
C ALA C 102 -11.73 9.93 -22.84
N HIS C 103 -11.45 8.75 -22.30
CA HIS C 103 -11.85 8.44 -20.94
C HIS C 103 -10.79 7.54 -20.32
N LEU C 104 -10.40 7.87 -19.09
CA LEU C 104 -9.41 7.09 -18.38
C LEU C 104 -10.09 6.18 -17.38
N ASP C 105 -9.89 4.87 -17.53
CA ASP C 105 -10.43 3.91 -16.58
C ASP C 105 -9.32 3.89 -15.53
N VAL C 106 -9.52 4.62 -14.44
CA VAL C 106 -8.50 4.72 -13.40
C VAL C 106 -8.09 3.38 -12.80
N GLY C 107 -9.05 2.51 -12.53
CA GLY C 107 -8.75 1.21 -11.95
C GLY C 107 -7.79 0.37 -12.80
N GLN C 108 -7.96 0.43 -14.12
CA GLN C 108 -7.12 -0.32 -15.04
C GLN C 108 -5.96 0.54 -15.54
N GLN C 109 -6.02 1.85 -15.28
CA GLN C 109 -5.01 2.78 -15.78
C GLN C 109 -4.98 2.61 -17.29
N ARG C 110 -6.18 2.60 -17.87
CA ARG C 110 -6.34 2.43 -19.31
C ARG C 110 -7.02 3.65 -19.92
N LEU C 111 -6.32 4.29 -20.85
CA LEU C 111 -6.86 5.47 -21.52
C LEU C 111 -7.56 5.02 -22.80
N ASN C 112 -8.89 5.11 -22.80
CA ASN C 112 -9.68 4.71 -23.95
C ASN C 112 -9.99 5.90 -24.84
N LEU C 113 -9.44 5.86 -26.06
CA LEU C 113 -9.66 6.92 -27.03
C LEU C 113 -10.52 6.37 -28.15
N THR C 114 -11.42 7.20 -28.68
CA THR C 114 -12.24 6.79 -29.81
C THR C 114 -12.22 7.95 -30.79
N ILE C 115 -12.02 7.63 -32.06
CA ILE C 115 -11.97 8.64 -33.11
C ILE C 115 -12.83 8.18 -34.27
N PRO C 116 -13.76 9.04 -34.73
CA PRO C 116 -14.64 8.66 -35.85
C PRO C 116 -13.85 8.30 -37.11
N GLN C 117 -14.40 7.35 -37.89
CA GLN C 117 -13.74 6.89 -39.10
C GLN C 117 -13.41 7.98 -40.11
N ALA C 118 -14.23 9.03 -40.15
CA ALA C 118 -14.00 10.14 -41.08
C ALA C 118 -12.64 10.81 -40.86
N PHE C 119 -12.06 10.61 -39.68
CA PHE C 119 -10.78 11.22 -39.33
C PHE C 119 -9.62 10.23 -39.25
N MET C 120 -9.88 8.96 -39.51
CA MET C 120 -8.84 7.93 -39.45
C MET C 120 -8.16 7.72 -40.80
N SER C 121 -6.93 7.24 -40.78
CA SER C 121 -6.20 6.97 -42.01
C SER C 121 -6.63 5.61 -42.57
N ASN C 122 -7.86 5.54 -43.07
CA ASN C 122 -8.40 4.29 -43.61
C ASN C 122 -8.65 4.32 -45.11
N ARG C 123 -8.10 5.31 -45.80
CA ARG C 123 -8.28 5.41 -47.26
C ARG C 123 -7.74 4.14 -47.91
N ALA C 124 -8.43 3.67 -48.94
CA ALA C 124 -8.00 2.46 -49.65
C ALA C 124 -6.53 2.55 -50.02
N ARG C 125 -5.76 1.54 -49.62
CA ARG C 125 -4.34 1.47 -49.89
C ARG C 125 -4.00 0.23 -50.71
#